data_8ILF
#
_entry.id   8ILF
#
_cell.length_a   59.666
_cell.length_b   78.190
_cell.length_c   101.304
_cell.angle_alpha   90.00
_cell.angle_beta   90.00
_cell.angle_gamma   90.00
#
_symmetry.space_group_name_H-M   'P 21 21 21'
#
loop_
_entity.id
_entity.type
_entity.pdbx_description
1 polymer 'Repair DNA polymerase X'
2 polymer "DNA (5'-D(*CP*TP*GP*GP*AP*TP*CP*CP*A)-3')"
3 non-polymer 'MANGANESE (II) ION'
4 non-polymer '[[(2R,3S,5R)-5-(2-azanyl-6-oxidanylidene-1H-purin-9-yl)-3-oxidanyl-oxolan-2-yl]methoxy-selanyl-phosphoryl] phosphono hydrogen phosphate'
5 water water
#
loop_
_entity_poly.entity_id
_entity_poly.type
_entity_poly.pdbx_seq_one_letter_code
_entity_poly.pdbx_strand_id
1 'polypeptide(L)'
;GGGGMLTLIQGKKIVNHLRSRLAFEYNGQLIKILSKNIVAVGSLRREEKMLNDVDLLIIVPEKKLLKHVLPNIRIKGLSF
SVKVCGERKCVLFIEWEKKTYQLDLFTALAEEKPYAIFHFTGPVSYLIRIRAALKKKNYKLNQYGLFKNQTLVPLKITTE
KELIKELGFTYRIPKKRL
;
A,B
2 'polydeoxyribonucleotide' (DC)(DT)(DG)(DG)(DA)(DT)(DC)(DC)(DA) E,G,H,J
#
# COMPACT_ATOMS: atom_id res chain seq x y z
N GLY A 3 23.21 -3.63 -3.60
CA GLY A 3 23.22 -3.52 -5.10
C GLY A 3 24.31 -2.60 -5.65
N GLY A 4 25.23 -3.17 -6.44
CA GLY A 4 26.33 -2.40 -7.02
C GLY A 4 25.98 -1.83 -8.38
N MET A 5 26.79 -0.87 -8.83
CA MET A 5 26.62 -0.24 -10.15
C MET A 5 27.13 -1.15 -11.26
N LEU A 6 26.35 -1.28 -12.34
CA LEU A 6 26.75 -2.04 -13.54
C LEU A 6 26.84 -1.16 -14.78
N THR A 7 27.63 -1.61 -15.73
CA THR A 7 27.66 -1.03 -17.05
C THR A 7 26.60 -1.73 -17.89
N LEU A 8 26.24 -1.11 -19.02
CA LEU A 8 25.36 -1.73 -20.01
C LEU A 8 25.83 -3.12 -20.42
N ILE A 9 27.11 -3.23 -20.77
CA ILE A 9 27.76 -4.49 -21.19
C ILE A 9 27.61 -5.60 -20.13
N GLN A 10 27.78 -5.26 -18.86
CA GLN A 10 27.56 -6.22 -17.76
C GLN A 10 26.09 -6.65 -17.63
N GLY A 11 25.17 -5.70 -17.82
CA GLY A 11 23.75 -5.96 -17.78
C GLY A 11 23.33 -6.97 -18.84
N LYS A 12 23.75 -6.73 -20.07
CA LYS A 12 23.49 -7.62 -21.20
C LYS A 12 24.05 -9.04 -20.96
N LYS A 13 25.26 -9.11 -20.40
CA LYS A 13 25.90 -10.40 -20.09
C LYS A 13 25.12 -11.18 -19.02
N ILE A 14 24.65 -10.49 -17.99
CA ILE A 14 23.82 -11.12 -16.94
C ILE A 14 22.50 -11.62 -17.50
N VAL A 15 21.82 -10.79 -18.32
CA VAL A 15 20.55 -11.20 -18.94
C VAL A 15 20.75 -12.46 -19.80
N ASN A 16 21.79 -12.47 -20.64
CA ASN A 16 22.12 -13.67 -21.46
C ASN A 16 22.25 -14.95 -20.66
N HIS A 17 22.89 -14.83 -19.48
CA HIS A 17 23.06 -15.96 -18.56
C HIS A 17 21.70 -16.40 -17.98
N LEU A 18 20.85 -15.44 -17.59
CA LEU A 18 19.54 -15.77 -16.98
C LEU A 18 18.51 -16.33 -17.97
N ARG A 19 18.49 -15.84 -19.22
CA ARG A 19 17.54 -16.29 -20.27
C ARG A 19 17.22 -17.77 -20.30
N SER A 20 18.26 -18.60 -20.19
CA SER A 20 18.14 -20.06 -20.28
C SER A 20 17.89 -20.73 -18.92
N ARG A 21 17.99 -19.96 -17.82
CA ARG A 21 18.12 -20.55 -16.47
C ARG A 21 17.01 -20.20 -15.47
N LEU A 22 15.96 -19.48 -15.89
CA LEU A 22 14.86 -19.18 -15.00
C LEU A 22 13.78 -20.26 -15.03
N ALA A 23 13.35 -20.68 -13.84
CA ALA A 23 12.25 -21.63 -13.65
C ALA A 23 11.50 -21.33 -12.35
N PHE A 24 10.35 -21.96 -12.17
CA PHE A 24 9.60 -21.88 -10.93
C PHE A 24 8.97 -23.23 -10.57
N GLU A 25 8.79 -23.45 -9.27
CA GLU A 25 8.22 -24.70 -8.78
C GLU A 25 6.70 -24.53 -8.64
N TYR A 26 5.96 -25.43 -9.29
CA TYR A 26 4.51 -25.42 -9.30
C TYR A 26 3.99 -26.71 -8.66
N ASN A 27 3.67 -26.64 -7.36
CA ASN A 27 3.27 -27.80 -6.55
C ASN A 27 4.23 -29.00 -6.66
N GLY A 28 5.52 -28.74 -6.43
CA GLY A 28 6.54 -29.79 -6.48
C GLY A 28 6.96 -30.28 -7.86
N GLN A 29 6.72 -29.46 -8.90
CA GLN A 29 7.19 -29.72 -10.27
C GLN A 29 7.87 -28.47 -10.82
N LEU A 30 9.06 -28.63 -11.39
CA LEU A 30 9.87 -27.49 -11.87
C LEU A 30 9.52 -27.16 -13.32
N ILE A 31 8.86 -26.02 -13.52
CA ILE A 31 8.49 -25.53 -14.85
C ILE A 31 9.50 -24.47 -15.27
N LYS A 32 10.06 -24.65 -16.46
CA LYS A 32 11.03 -23.70 -17.01
C LYS A 32 10.30 -22.51 -17.60
N ILE A 33 10.88 -21.34 -17.43
CA ILE A 33 10.36 -20.12 -18.05
C ILE A 33 11.02 -20.01 -19.42
N LEU A 34 10.21 -19.74 -20.43
CA LEU A 34 10.68 -19.66 -21.81
C LEU A 34 11.32 -18.30 -22.11
N SER A 35 12.35 -18.32 -22.98
CA SER A 35 13.06 -17.12 -23.40
C SER A 35 12.17 -16.04 -23.98
N LYS A 36 11.21 -16.43 -24.81
CA LYS A 36 10.26 -15.50 -25.41
C LYS A 36 9.33 -14.82 -24.38
N ASN A 37 9.16 -15.45 -23.22
CA ASN A 37 8.46 -14.84 -22.09
C ASN A 37 9.35 -14.04 -21.12
N ILE A 38 10.62 -13.83 -21.47
CA ILE A 38 11.55 -13.05 -20.64
C ILE A 38 11.96 -11.80 -21.43
N VAL A 39 11.63 -10.62 -20.89
CA VAL A 39 11.87 -9.33 -21.55
C VAL A 39 12.66 -8.38 -20.65
N ALA A 40 13.85 -7.99 -21.12
CA ALA A 40 14.66 -6.95 -20.50
C ALA A 40 13.94 -5.62 -20.59
N VAL A 41 13.77 -4.95 -19.44
CA VAL A 41 13.08 -3.67 -19.38
C VAL A 41 13.96 -2.70 -18.58
N GLY A 42 13.43 -1.57 -18.14
CA GLY A 42 14.17 -0.64 -17.31
C GLY A 42 15.29 0.03 -18.08
N SER A 43 16.32 0.47 -17.37
CA SER A 43 17.38 1.25 -17.99
C SER A 43 18.22 0.41 -18.98
N LEU A 44 18.24 -0.92 -18.82
CA LEU A 44 18.92 -1.79 -19.77
C LEU A 44 18.28 -1.79 -21.15
N ARG A 45 16.96 -1.89 -21.23
CA ARG A 45 16.28 -1.84 -22.54
C ARG A 45 16.48 -0.49 -23.22
N ARG A 46 16.55 0.56 -22.40
CA ARG A 46 16.83 1.91 -22.86
C ARG A 46 18.32 2.18 -23.21
N GLU A 47 19.19 1.19 -23.03
CA GLU A 47 20.61 1.28 -23.41
C GLU A 47 21.36 2.40 -22.67
N GLU A 48 21.00 2.65 -21.41
CA GLU A 48 21.74 3.57 -20.55
C GLU A 48 23.09 2.94 -20.24
N LYS A 49 24.16 3.72 -20.30
CA LYS A 49 25.52 3.21 -20.04
C LYS A 49 25.74 2.85 -18.56
N MET A 50 25.07 3.54 -17.64
CA MET A 50 25.06 3.21 -16.20
C MET A 50 23.71 2.60 -15.80
N LEU A 51 23.75 1.49 -15.06
CA LEU A 51 22.56 0.80 -14.56
C LEU A 51 22.67 0.64 -13.04
N ASN A 52 21.62 0.99 -12.31
CA ASN A 52 21.55 0.68 -10.87
C ASN A 52 21.09 -0.76 -10.56
N ASP A 53 20.57 -1.46 -11.57
CA ASP A 53 20.01 -2.80 -11.39
C ASP A 53 19.63 -3.38 -12.75
N VAL A 54 19.26 -4.65 -12.75
CA VAL A 54 18.76 -5.30 -13.95
C VAL A 54 17.29 -5.65 -13.74
N ASP A 55 16.42 -5.13 -14.60
CA ASP A 55 14.97 -5.36 -14.54
C ASP A 55 14.56 -6.32 -15.65
N LEU A 56 13.92 -7.43 -15.26
CA LEU A 56 13.35 -8.40 -16.19
C LEU A 56 11.86 -8.56 -15.97
N LEU A 57 11.12 -8.56 -17.09
CA LEU A 57 9.69 -8.78 -17.07
C LEU A 57 9.45 -10.21 -17.53
N ILE A 58 8.70 -10.95 -16.74
CA ILE A 58 8.32 -12.32 -17.04
C ILE A 58 6.85 -12.34 -17.45
N ILE A 59 6.57 -12.89 -18.64
CA ILE A 59 5.19 -13.02 -19.11
C ILE A 59 4.61 -14.38 -18.65
N VAL A 60 3.53 -14.34 -17.89
CA VAL A 60 2.92 -15.51 -17.30
C VAL A 60 1.67 -15.89 -18.12
N PRO A 61 1.64 -17.09 -18.74
CA PRO A 61 0.49 -17.42 -19.61
C PRO A 61 -0.91 -17.50 -18.91
N GLU A 62 -0.96 -17.81 -17.63
CA GLU A 62 -2.22 -18.02 -16.93
C GLU A 62 -2.22 -17.39 -15.55
N LYS A 63 -3.33 -16.72 -15.22
CA LYS A 63 -3.58 -16.09 -13.92
C LYS A 63 -3.31 -16.98 -12.70
N LYS A 64 -3.73 -18.24 -12.78
CA LYS A 64 -3.54 -19.19 -11.66
C LYS A 64 -2.06 -19.51 -11.33
N LEU A 65 -1.16 -19.24 -12.28
CA LEU A 65 0.28 -19.40 -12.03
C LEU A 65 0.92 -18.23 -11.28
N LEU A 66 0.22 -17.09 -11.19
CA LEU A 66 0.80 -15.89 -10.54
C LEU A 66 1.33 -16.13 -9.14
N LYS A 67 0.58 -16.89 -8.33
CA LYS A 67 1.00 -17.14 -6.96
C LYS A 67 2.21 -18.05 -6.85
N HIS A 68 2.61 -18.70 -7.95
CA HIS A 68 3.74 -19.63 -7.97
C HIS A 68 5.02 -19.08 -8.59
N VAL A 69 4.91 -18.22 -9.61
CA VAL A 69 6.07 -17.89 -10.44
C VAL A 69 7.17 -17.20 -9.64
N LEU A 70 6.93 -15.97 -9.19
CA LEU A 70 7.99 -15.24 -8.47
C LEU A 70 8.29 -15.80 -7.08
N PRO A 71 7.24 -16.10 -6.28
CA PRO A 71 7.57 -16.64 -4.95
C PRO A 71 8.37 -17.96 -4.95
N ASN A 72 8.16 -18.85 -5.92
CA ASN A 72 8.93 -20.11 -6.04
C ASN A 72 9.95 -20.08 -7.19
N ILE A 73 10.53 -18.92 -7.44
CA ILE A 73 11.52 -18.73 -8.50
C ILE A 73 12.78 -19.54 -8.25
N ARG A 74 13.34 -20.07 -9.33
CA ARG A 74 14.62 -20.75 -9.31
C ARG A 74 15.51 -20.21 -10.42
N ILE A 75 16.81 -20.10 -10.11
CA ILE A 75 17.82 -19.71 -11.09
C ILE A 75 18.92 -20.74 -11.00
N LYS A 76 19.09 -21.53 -12.05
CA LYS A 76 19.95 -22.71 -12.01
C LYS A 76 21.40 -22.32 -11.81
N GLY A 77 21.99 -22.82 -10.71
CA GLY A 77 23.42 -22.71 -10.46
C GLY A 77 23.92 -21.38 -9.94
N LEU A 78 23.03 -20.42 -9.75
CA LEU A 78 23.40 -19.06 -9.34
C LEU A 78 23.14 -18.85 -7.86
N SER A 79 24.06 -18.12 -7.24
CA SER A 79 23.96 -17.80 -5.82
C SER A 79 23.21 -16.47 -5.72
N PHE A 80 22.11 -16.45 -4.97
CA PHE A 80 21.35 -15.21 -4.75
C PHE A 80 20.58 -15.24 -3.44
N SER A 81 20.30 -14.05 -2.89
CA SER A 81 19.36 -13.88 -1.75
C SER A 81 18.16 -13.02 -2.17
N VAL A 82 17.00 -13.25 -1.54
CA VAL A 82 15.76 -12.54 -1.87
C VAL A 82 15.38 -11.51 -0.80
N LYS A 83 15.36 -10.23 -1.19
CA LYS A 83 15.06 -9.10 -0.31
C LYS A 83 13.56 -8.98 -0.05
N VAL A 84 12.78 -8.75 -1.10
CA VAL A 84 11.32 -8.75 -1.05
C VAL A 84 10.80 -9.54 -2.25
N CYS A 85 9.65 -10.18 -2.07
CA CYS A 85 9.04 -11.00 -3.09
C CYS A 85 7.54 -11.16 -2.86
N GLY A 86 6.75 -10.66 -3.81
CA GLY A 86 5.32 -10.94 -3.91
C GLY A 86 5.06 -11.57 -5.27
N GLU A 87 3.85 -11.44 -5.79
CA GLU A 87 3.46 -12.07 -7.06
C GLU A 87 3.82 -11.24 -8.28
N ARG A 88 4.00 -9.93 -8.07
CA ARG A 88 4.19 -8.98 -9.16
C ARG A 88 5.57 -8.32 -9.22
N LYS A 89 6.26 -8.21 -8.08
CA LYS A 89 7.65 -7.77 -8.02
C LYS A 89 8.46 -8.61 -7.04
N CYS A 90 9.62 -9.08 -7.50
CA CYS A 90 10.56 -9.84 -6.69
C CYS A 90 11.97 -9.32 -6.93
N VAL A 91 12.65 -9.01 -5.83
CA VAL A 91 13.96 -8.38 -5.84
C VAL A 91 14.99 -9.36 -5.27
N LEU A 92 15.94 -9.75 -6.11
CA LEU A 92 16.99 -10.65 -5.70
C LEU A 92 18.32 -9.91 -5.70
N PHE A 93 19.21 -10.31 -4.80
CA PHE A 93 20.58 -9.86 -4.82
C PHE A 93 21.43 -11.00 -5.32
N ILE A 94 21.95 -10.87 -6.54
CA ILE A 94 22.72 -11.94 -7.16
C ILE A 94 24.21 -11.72 -6.95
N GLU A 95 24.91 -12.81 -6.66
CA GLU A 95 26.37 -12.78 -6.59
C GLU A 95 26.90 -12.89 -8.01
N TRP A 96 27.72 -11.92 -8.40
CA TRP A 96 28.44 -11.95 -9.65
C TRP A 96 29.89 -11.54 -9.40
N GLU A 97 30.79 -12.54 -9.36
CA GLU A 97 32.24 -12.33 -9.36
C GLU A 97 32.74 -11.21 -8.43
N LYS A 98 32.72 -11.46 -7.12
CA LYS A 98 33.18 -10.50 -6.08
C LYS A 98 32.32 -9.23 -5.91
N LYS A 99 31.15 -9.21 -6.54
CA LYS A 99 30.22 -8.08 -6.46
C LYS A 99 28.80 -8.62 -6.29
N THR A 100 27.91 -7.73 -5.85
CA THR A 100 26.51 -8.06 -5.64
C THR A 100 25.66 -7.07 -6.44
N TYR A 101 24.80 -7.61 -7.30
CA TYR A 101 23.94 -6.80 -8.16
C TYR A 101 22.48 -7.06 -7.87
N GLN A 102 21.69 -6.00 -7.95
CA GLN A 102 20.26 -6.09 -7.77
C GLN A 102 19.58 -6.51 -9.08
N LEU A 103 18.88 -7.65 -9.02
CA LEU A 103 18.00 -8.14 -10.08
C LEU A 103 16.53 -7.96 -9.65
N ASP A 104 15.77 -7.22 -10.47
CA ASP A 104 14.34 -7.03 -10.26
C ASP A 104 13.57 -7.86 -11.27
N LEU A 105 12.63 -8.66 -10.78
CA LEU A 105 11.78 -9.49 -11.61
C LEU A 105 10.36 -9.01 -11.44
N PHE A 106 9.63 -8.92 -12.54
CA PHE A 106 8.24 -8.45 -12.54
C PHE A 106 7.44 -9.44 -13.35
N THR A 107 6.14 -9.54 -13.09
CA THR A 107 5.26 -10.40 -13.86
C THR A 107 4.13 -9.63 -14.53
N ALA A 108 3.87 -9.98 -15.79
CA ALA A 108 2.72 -9.55 -16.55
C ALA A 108 2.01 -10.78 -17.10
N LEU A 109 0.68 -10.81 -17.00
CA LEU A 109 -0.14 -11.81 -17.70
C LEU A 109 -0.11 -11.49 -19.19
N ALA A 110 -0.29 -12.52 -20.02
CA ALA A 110 -0.22 -12.39 -21.48
C ALA A 110 -1.01 -11.21 -22.02
N GLU A 111 -2.22 -11.05 -21.52
CA GLU A 111 -3.11 -9.94 -21.89
C GLU A 111 -2.61 -8.55 -21.46
N GLU A 112 -1.75 -8.49 -20.44
CA GLU A 112 -1.15 -7.22 -20.00
C GLU A 112 0.15 -6.87 -20.72
N LYS A 113 0.67 -7.79 -21.55
CA LYS A 113 2.06 -7.72 -22.03
C LYS A 113 2.51 -6.32 -22.52
N PRO A 114 1.88 -5.76 -23.57
CA PRO A 114 2.33 -4.46 -24.09
C PRO A 114 2.25 -3.32 -23.10
N TYR A 115 1.27 -3.39 -22.20
CA TYR A 115 1.09 -2.38 -21.15
C TYR A 115 2.21 -2.46 -20.11
N ALA A 116 2.56 -3.67 -19.70
CA ALA A 116 3.69 -3.89 -18.79
C ALA A 116 5.05 -3.50 -19.40
N ILE A 117 5.27 -3.83 -20.67
CA ILE A 117 6.52 -3.52 -21.35
C ILE A 117 6.70 -2.02 -21.39
N PHE A 118 5.63 -1.32 -21.76
CA PHE A 118 5.60 0.13 -21.81
C PHE A 118 5.89 0.76 -20.44
N HIS A 119 5.17 0.32 -19.42
CA HIS A 119 5.34 0.82 -18.07
C HIS A 119 6.78 0.61 -17.61
N PHE A 120 7.28 -0.62 -17.73
CA PHE A 120 8.57 -0.95 -17.14
C PHE A 120 9.76 -0.47 -17.95
N THR A 121 9.53 -0.06 -19.20
CA THR A 121 10.59 0.53 -20.02
C THR A 121 10.92 1.95 -19.56
N GLY A 122 9.92 2.72 -19.12
CA GLY A 122 10.15 4.07 -18.63
C GLY A 122 10.72 4.94 -19.74
N PRO A 123 11.53 5.97 -19.42
CA PRO A 123 11.81 6.43 -18.04
C PRO A 123 10.58 7.04 -17.39
N VAL A 124 10.68 7.31 -16.09
CA VAL A 124 9.53 7.79 -15.33
C VAL A 124 9.03 9.10 -15.92
N SER A 125 9.96 10.02 -16.22
CA SER A 125 9.62 11.34 -16.79
C SER A 125 8.74 11.21 -18.04
N TYR A 126 9.09 10.27 -18.92
CA TYR A 126 8.29 10.00 -20.10
C TYR A 126 6.90 9.46 -19.75
N LEU A 127 6.84 8.54 -18.80
CA LEU A 127 5.57 7.95 -18.39
C LEU A 127 4.61 8.98 -17.80
N ILE A 128 5.13 9.94 -17.05
CA ILE A 128 4.30 10.98 -16.46
C ILE A 128 3.60 11.85 -17.52
N ARG A 129 4.34 12.26 -18.55
CA ARG A 129 3.78 13.05 -19.65
C ARG A 129 2.65 12.32 -20.34
N ILE A 130 2.96 11.10 -20.80
CA ILE A 130 2.02 10.24 -21.47
C ILE A 130 0.74 10.08 -20.62
N ARG A 131 0.92 9.78 -19.34
CA ARG A 131 -0.20 9.46 -18.46
C ARG A 131 -1.07 10.68 -18.17
N ALA A 132 -0.45 11.84 -17.97
CA ALA A 132 -1.17 13.11 -17.79
C ALA A 132 -2.00 13.50 -19.00
N ALA A 133 -1.43 13.26 -20.19
CA ALA A 133 -2.10 13.53 -21.47
C ALA A 133 -3.37 12.70 -21.64
N LEU A 134 -3.30 11.44 -21.24
CA LEU A 134 -4.47 10.55 -21.25
C LEU A 134 -5.46 10.85 -20.12
N LYS A 135 -4.94 11.25 -18.96
CA LYS A 135 -5.75 11.67 -17.80
C LYS A 135 -6.70 12.81 -18.18
N LYS A 136 -6.17 13.81 -18.87
CA LYS A 136 -6.98 14.93 -19.39
C LYS A 136 -8.17 14.50 -20.26
N LYS A 137 -8.04 13.38 -20.97
CA LYS A 137 -9.15 12.79 -21.74
C LYS A 137 -9.99 11.78 -20.92
N ASN A 138 -9.85 11.81 -19.60
CA ASN A 138 -10.47 10.84 -18.65
C ASN A 138 -10.13 9.35 -18.87
N TYR A 139 -8.96 9.08 -19.43
CA TYR A 139 -8.43 7.72 -19.50
C TYR A 139 -7.45 7.51 -18.35
N LYS A 140 -7.18 6.25 -18.05
CA LYS A 140 -6.19 5.88 -17.04
C LYS A 140 -5.35 4.74 -17.61
N LEU A 141 -4.04 4.97 -17.71
CA LEU A 141 -3.10 3.99 -18.19
C LEU A 141 -2.20 3.54 -17.03
N ASN A 142 -2.03 2.22 -16.92
CA ASN A 142 -1.08 1.62 -16.00
C ASN A 142 -0.44 0.38 -16.64
N GLN A 143 0.26 -0.43 -15.83
CA GLN A 143 0.91 -1.65 -16.35
C GLN A 143 -0.05 -2.79 -16.71
N TYR A 144 -1.32 -2.67 -16.34
CA TYR A 144 -2.33 -3.72 -16.61
C TYR A 144 -3.25 -3.44 -17.79
N GLY A 145 -3.39 -2.19 -18.22
CA GLY A 145 -4.36 -1.85 -19.26
C GLY A 145 -4.60 -0.36 -19.38
N LEU A 146 -5.43 0.02 -20.35
CA LEU A 146 -6.05 1.35 -20.43
C LEU A 146 -7.48 1.25 -19.90
N PHE A 147 -7.86 2.22 -19.06
CA PHE A 147 -9.16 2.23 -18.42
C PHE A 147 -9.86 3.58 -18.62
N LYS A 148 -11.18 3.56 -18.82
CA LYS A 148 -12.00 4.77 -18.83
C LYS A 148 -13.18 4.52 -17.89
N ASN A 149 -13.35 5.38 -16.89
CA ASN A 149 -14.35 5.19 -15.82
C ASN A 149 -14.18 3.84 -15.12
N GLN A 150 -12.94 3.53 -14.73
CA GLN A 150 -12.60 2.27 -14.06
C GLN A 150 -12.97 0.97 -14.83
N THR A 151 -13.19 1.06 -16.15
CA THR A 151 -13.55 -0.08 -17.00
C THR A 151 -12.46 -0.24 -18.06
N LEU A 152 -12.06 -1.49 -18.31
CA LEU A 152 -10.97 -1.81 -19.24
C LEU A 152 -11.38 -1.49 -20.69
N VAL A 153 -10.54 -0.72 -21.39
CA VAL A 153 -10.75 -0.39 -22.79
C VAL A 153 -10.16 -1.51 -23.65
N PRO A 154 -10.99 -2.22 -24.43
CA PRO A 154 -10.47 -3.40 -25.12
C PRO A 154 -9.75 -3.03 -26.42
N LEU A 155 -8.47 -2.70 -26.29
CA LEU A 155 -7.58 -2.57 -27.43
C LEU A 155 -7.18 -3.98 -27.82
N LYS A 156 -7.03 -4.21 -29.12
CA LYS A 156 -6.82 -5.54 -29.65
C LYS A 156 -5.49 -5.53 -30.37
N ILE A 157 -4.45 -5.51 -29.56
CA ILE A 157 -3.07 -5.30 -30.01
C ILE A 157 -2.15 -6.27 -29.30
N THR A 158 -1.04 -6.61 -29.95
CA THR A 158 -0.04 -7.54 -29.41
C THR A 158 1.23 -6.85 -28.89
N THR A 159 1.78 -5.94 -29.68
CA THR A 159 3.10 -5.36 -29.43
C THR A 159 3.02 -4.04 -28.68
N GLU A 160 4.13 -3.68 -28.05
CA GLU A 160 4.27 -2.36 -27.45
C GLU A 160 4.11 -1.24 -28.48
N LYS A 161 4.68 -1.45 -29.66
CA LYS A 161 4.58 -0.47 -30.76
C LYS A 161 3.13 -0.19 -31.17
N GLU A 162 2.34 -1.25 -31.34
CA GLU A 162 0.90 -1.11 -31.62
C GLU A 162 0.19 -0.31 -30.53
N LEU A 163 0.45 -0.65 -29.27
CA LEU A 163 -0.12 0.08 -28.14
C LEU A 163 0.12 1.57 -28.25
N ILE A 164 1.38 1.95 -28.48
CA ILE A 164 1.75 3.37 -28.43
C ILE A 164 1.02 4.14 -29.53
N LYS A 165 1.03 3.62 -30.76
CA LYS A 165 0.26 4.21 -31.89
C LYS A 165 -1.22 4.35 -31.56
N GLU A 166 -1.80 3.29 -30.99
CA GLU A 166 -3.24 3.26 -30.65
C GLU A 166 -3.62 4.27 -29.56
N LEU A 167 -2.68 4.58 -28.67
CA LEU A 167 -2.86 5.62 -27.67
C LEU A 167 -2.76 7.03 -28.26
N GLY A 168 -2.21 7.15 -29.47
CA GLY A 168 -2.16 8.40 -30.21
C GLY A 168 -0.89 9.19 -29.99
N PHE A 169 0.23 8.50 -29.74
CA PHE A 169 1.52 9.12 -29.47
C PHE A 169 2.53 8.67 -30.51
N THR A 170 3.59 9.46 -30.64
CA THR A 170 4.66 9.16 -31.60
C THR A 170 5.54 8.05 -31.01
N TYR A 171 5.70 6.96 -31.76
CA TYR A 171 6.55 5.89 -31.31
C TYR A 171 8.00 6.34 -31.35
N ARG A 172 8.70 6.00 -30.28
CA ARG A 172 10.11 6.25 -30.11
C ARG A 172 10.76 4.96 -29.59
N ILE A 173 11.97 4.65 -30.06
CA ILE A 173 12.72 3.50 -29.55
C ILE A 173 13.07 3.76 -28.07
N PRO A 174 13.21 2.69 -27.26
CA PRO A 174 13.37 2.87 -25.81
C PRO A 174 14.43 3.89 -25.38
N LYS A 175 15.56 3.97 -26.09
CA LYS A 175 16.63 4.91 -25.72
C LYS A 175 16.29 6.37 -26.03
N LYS A 176 15.38 6.60 -26.98
CA LYS A 176 14.98 7.95 -27.37
C LYS A 176 13.70 8.44 -26.63
N ARG A 177 13.26 7.71 -25.60
CA ARG A 177 12.14 8.16 -24.77
C ARG A 177 12.69 8.91 -23.57
N LEU A 178 12.03 10.02 -23.27
CA LEU A 178 12.42 10.91 -22.19
C LEU A 178 11.27 11.86 -21.85
N GLY B 1 6.57 -5.67 18.37
CA GLY B 1 5.45 -5.51 19.36
C GLY B 1 5.40 -4.13 19.99
N GLY B 2 6.58 -3.64 20.38
CA GLY B 2 6.78 -2.25 20.78
C GLY B 2 6.57 -1.90 22.26
N GLY B 3 5.50 -2.42 22.84
CA GLY B 3 5.13 -2.10 24.22
C GLY B 3 4.65 -3.34 24.95
N GLY B 4 4.62 -3.24 26.28
CA GLY B 4 4.09 -4.32 27.12
C GLY B 4 2.57 -4.34 27.11
N MET B 5 2.01 -5.46 27.55
CA MET B 5 0.57 -5.54 27.76
C MET B 5 0.16 -4.70 28.96
N LEU B 6 -1.04 -4.12 28.90
CA LEU B 6 -1.61 -3.37 30.02
C LEU B 6 -2.96 -3.96 30.39
N THR B 7 -3.33 -3.81 31.66
CA THR B 7 -4.71 -4.06 32.09
C THR B 7 -5.59 -2.96 31.50
N LEU B 8 -6.88 -3.26 31.43
CA LEU B 8 -7.88 -2.29 30.98
C LEU B 8 -7.78 -0.95 31.73
N ILE B 9 -7.67 -1.03 33.05
CA ILE B 9 -7.69 0.15 33.92
C ILE B 9 -6.42 0.97 33.73
N GLN B 10 -5.28 0.31 33.56
CA GLN B 10 -4.02 0.97 33.20
C GLN B 10 -4.22 1.80 31.93
N GLY B 11 -4.76 1.15 30.90
CA GLY B 11 -5.15 1.84 29.67
C GLY B 11 -6.06 3.04 29.87
N LYS B 12 -7.09 2.89 30.70
CA LYS B 12 -8.02 4.00 31.01
C LYS B 12 -7.36 5.15 31.76
N LYS B 13 -6.45 4.84 32.68
CA LYS B 13 -5.71 5.87 33.42
C LYS B 13 -4.78 6.66 32.49
N ILE B 14 -4.15 5.95 31.56
CA ILE B 14 -3.36 6.57 30.50
C ILE B 14 -4.25 7.49 29.65
N VAL B 15 -5.41 7.00 29.23
CA VAL B 15 -6.34 7.85 28.46
C VAL B 15 -6.77 9.07 29.30
N ASN B 16 -7.16 8.85 30.56
CA ASN B 16 -7.54 9.97 31.46
C ASN B 16 -6.42 11.00 31.58
N HIS B 17 -5.16 10.55 31.68
CA HIS B 17 -4.01 11.46 31.70
C HIS B 17 -3.87 12.23 30.38
N LEU B 18 -3.98 11.53 29.26
CA LEU B 18 -3.76 12.14 27.94
C LEU B 18 -4.89 13.07 27.48
N ARG B 19 -6.10 12.93 27.99
CA ARG B 19 -7.26 13.74 27.52
C ARG B 19 -7.04 15.22 27.53
N SER B 20 -6.36 15.69 28.57
CA SER B 20 -6.13 17.11 28.77
C SER B 20 -4.69 17.56 28.43
N ARG B 21 -3.91 16.68 27.78
CA ARG B 21 -2.49 16.95 27.49
C ARG B 21 -2.05 16.76 26.05
N LEU B 22 -2.95 16.52 25.11
CA LEU B 22 -2.54 16.43 23.71
C LEU B 22 -2.58 17.82 23.08
N ALA B 23 -1.61 18.08 22.22
CA ALA B 23 -1.55 19.33 21.50
C ALA B 23 -0.72 19.14 20.24
N PHE B 24 -0.83 20.11 19.32
CA PHE B 24 0.00 20.14 18.13
C PHE B 24 0.45 21.56 17.85
N GLU B 25 1.52 21.70 17.07
CA GLU B 25 2.05 22.99 16.65
C GLU B 25 1.52 23.36 15.28
N TYR B 26 0.89 24.52 15.18
CA TYR B 26 0.35 25.03 13.92
C TYR B 26 1.13 26.30 13.63
N ASN B 27 2.23 26.13 12.89
CA ASN B 27 3.21 27.19 12.60
C ASN B 27 3.73 27.90 13.84
N GLY B 28 4.17 27.10 14.82
CA GLY B 28 4.69 27.63 16.08
C GLY B 28 3.67 27.97 17.16
N GLN B 29 2.38 28.02 16.80
CA GLN B 29 1.29 28.16 17.77
C GLN B 29 0.95 26.79 18.31
N LEU B 30 0.94 26.65 19.63
CA LEU B 30 0.71 25.38 20.30
C LEU B 30 -0.78 25.31 20.63
N ILE B 31 -1.50 24.41 19.95
CA ILE B 31 -2.95 24.31 20.05
C ILE B 31 -3.30 23.03 20.78
N LYS B 32 -4.03 23.16 21.89
CA LYS B 32 -4.49 22.02 22.67
C LYS B 32 -5.62 21.29 21.95
N ILE B 33 -5.59 19.97 21.93
CA ILE B 33 -6.67 19.18 21.34
C ILE B 33 -7.71 18.97 22.43
N LEU B 34 -8.98 19.17 22.07
CA LEU B 34 -10.09 19.12 23.03
C LEU B 34 -10.44 17.67 23.38
N SER B 35 -10.69 17.44 24.68
CA SER B 35 -11.15 16.16 25.18
C SER B 35 -12.35 15.60 24.40
N LYS B 36 -13.27 16.50 24.03
CA LYS B 36 -14.44 16.17 23.19
C LYS B 36 -14.09 15.56 21.82
N ASN B 37 -12.93 15.95 21.29
CA ASN B 37 -12.41 15.42 20.04
C ASN B 37 -11.40 14.27 20.18
N ILE B 38 -11.37 13.61 21.34
CA ILE B 38 -10.53 12.44 21.56
C ILE B 38 -11.43 11.29 21.98
N VAL B 39 -11.36 10.19 21.25
CA VAL B 39 -12.20 9.02 21.50
C VAL B 39 -11.32 7.79 21.62
N ALA B 40 -11.39 7.14 22.77
CA ALA B 40 -10.71 5.91 22.98
C ALA B 40 -11.36 4.85 22.11
N VAL B 41 -10.55 4.14 21.34
CA VAL B 41 -11.06 3.11 20.41
C VAL B 41 -10.31 1.80 20.66
N GLY B 42 -10.37 0.85 19.71
CA GLY B 42 -9.63 -0.40 19.84
C GLY B 42 -10.12 -1.25 21.00
N SER B 43 -9.25 -2.09 21.54
CA SER B 43 -9.64 -3.02 22.60
C SER B 43 -10.06 -2.29 23.89
N LEU B 44 -9.57 -1.07 24.09
CA LEU B 44 -9.98 -0.25 25.22
C LEU B 44 -11.48 0.09 25.17
N ARG B 45 -11.97 0.54 24.03
CA ARG B 45 -13.40 0.84 23.88
C ARG B 45 -14.28 -0.42 24.04
N ARG B 46 -13.77 -1.56 23.57
CA ARG B 46 -14.44 -2.86 23.70
C ARG B 46 -14.28 -3.51 25.10
N GLU B 47 -13.58 -2.81 26.02
CA GLU B 47 -13.49 -3.20 27.43
C GLU B 47 -12.94 -4.61 27.60
N GLU B 48 -11.88 -4.92 26.86
CA GLU B 48 -11.16 -6.17 27.04
C GLU B 48 -10.29 -6.04 28.28
N LYS B 49 -9.94 -7.17 28.88
CA LYS B 49 -9.32 -7.21 30.17
C LYS B 49 -7.85 -6.83 30.04
N MET B 50 -7.18 -7.37 29.02
CA MET B 50 -5.80 -7.01 28.71
C MET B 50 -5.75 -6.33 27.34
N LEU B 51 -4.83 -5.37 27.19
CA LEU B 51 -4.64 -4.61 25.96
C LEU B 51 -3.18 -4.72 25.51
N ASN B 52 -2.95 -4.81 24.20
CA ASN B 52 -1.57 -4.79 23.67
C ASN B 52 -1.06 -3.38 23.39
N ASP B 53 -1.97 -2.41 23.35
CA ASP B 53 -1.64 -1.01 23.18
C ASP B 53 -2.85 -0.14 23.52
N VAL B 54 -2.69 1.18 23.39
CA VAL B 54 -3.79 2.12 23.49
C VAL B 54 -3.99 2.87 22.17
N ASP B 55 -5.24 2.84 21.69
CA ASP B 55 -5.66 3.46 20.45
C ASP B 55 -6.53 4.67 20.74
N LEU B 56 -6.13 5.84 20.25
CA LEU B 56 -6.93 7.06 20.36
C LEU B 56 -7.23 7.62 18.97
N LEU B 57 -8.49 7.97 18.76
CA LEU B 57 -8.93 8.65 17.56
C LEU B 57 -9.06 10.12 17.89
N ILE B 58 -8.31 10.96 17.18
CA ILE B 58 -8.42 12.40 17.26
C ILE B 58 -9.31 12.92 16.11
N ILE B 59 -10.33 13.70 16.46
CA ILE B 59 -11.29 14.24 15.49
C ILE B 59 -10.83 15.63 15.12
N VAL B 60 -10.62 15.85 13.82
CA VAL B 60 -9.98 17.07 13.34
C VAL B 60 -10.98 17.94 12.56
N PRO B 61 -11.21 19.19 13.02
CA PRO B 61 -12.22 20.09 12.41
C PRO B 61 -12.14 20.33 10.90
N GLU B 62 -10.94 20.54 10.35
CA GLU B 62 -10.73 20.92 8.94
C GLU B 62 -9.60 20.13 8.28
N LYS B 63 -9.74 19.91 6.98
CA LYS B 63 -8.78 19.17 6.17
C LYS B 63 -7.37 19.79 6.16
N LYS B 64 -7.27 21.11 6.20
CA LYS B 64 -5.98 21.79 6.21
C LYS B 64 -5.13 21.43 7.45
N LEU B 65 -5.77 21.03 8.54
CA LEU B 65 -5.06 20.69 9.77
C LEU B 65 -4.38 19.30 9.76
N LEU B 66 -4.82 18.40 8.89
CA LEU B 66 -4.21 17.07 8.79
C LEU B 66 -2.69 17.07 8.62
N LYS B 67 -2.14 18.03 7.88
CA LYS B 67 -0.67 18.14 7.75
C LYS B 67 0.05 18.67 8.99
N HIS B 68 -0.68 19.10 10.01
CA HIS B 68 -0.12 19.65 11.24
C HIS B 68 -0.36 18.83 12.50
N VAL B 69 -1.54 18.21 12.63
CA VAL B 69 -1.96 17.62 13.91
C VAL B 69 -1.02 16.50 14.32
N LEU B 70 -1.00 15.41 13.58
CA LEU B 70 -0.13 14.29 13.94
C LEU B 70 1.36 14.55 13.67
N PRO B 71 1.70 15.11 12.50
CA PRO B 71 3.13 15.41 12.29
C PRO B 71 3.78 16.37 13.31
N ASN B 72 3.01 17.22 13.98
CA ASN B 72 3.54 18.07 15.04
C ASN B 72 2.88 17.87 16.40
N ILE B 73 2.46 16.64 16.68
CA ILE B 73 1.84 16.28 17.97
C ILE B 73 2.76 16.59 19.15
N ARG B 74 2.19 16.98 20.29
CA ARG B 74 2.94 17.26 21.51
C ARG B 74 2.20 16.68 22.71
N ILE B 75 2.94 15.99 23.57
CA ILE B 75 2.43 15.51 24.82
C ILE B 75 3.41 16.04 25.87
N LYS B 76 3.10 17.23 26.38
CA LYS B 76 3.94 17.88 27.38
C LYS B 76 4.00 17.06 28.68
N GLY B 77 5.20 16.93 29.24
CA GLY B 77 5.41 16.19 30.48
C GLY B 77 5.58 14.69 30.33
N LEU B 78 5.35 14.15 29.14
CA LEU B 78 5.41 12.71 28.90
C LEU B 78 6.60 12.35 28.03
N SER B 79 7.32 11.32 28.46
CA SER B 79 8.49 10.82 27.75
C SER B 79 8.05 9.76 26.74
N PHE B 80 8.43 9.95 25.47
CA PHE B 80 8.08 9.02 24.41
C PHE B 80 8.97 9.16 23.18
N SER B 81 9.06 8.10 22.38
CA SER B 81 9.70 8.15 21.07
C SER B 81 8.68 7.79 19.99
N VAL B 82 9.07 7.97 18.73
CA VAL B 82 8.19 7.78 17.59
C VAL B 82 8.61 6.51 16.84
N LYS B 83 7.64 5.66 16.52
CA LYS B 83 7.84 4.51 15.61
C LYS B 83 7.69 5.01 14.18
N VAL B 84 6.46 5.30 13.77
CA VAL B 84 6.15 5.96 12.49
C VAL B 84 5.16 7.08 12.73
N CYS B 85 5.20 8.10 11.89
CA CYS B 85 4.30 9.23 12.01
C CYS B 85 3.93 9.79 10.63
N GLY B 86 2.66 9.68 10.26
CA GLY B 86 2.08 10.42 9.13
C GLY B 86 0.95 11.32 9.59
N GLU B 87 0.07 11.71 8.66
CA GLU B 87 -1.09 12.58 8.95
C GLU B 87 -2.28 11.81 9.53
N ARG B 88 -2.40 10.53 9.18
CA ARG B 88 -3.55 9.71 9.58
C ARG B 88 -3.22 8.71 10.70
N LYS B 89 -1.93 8.40 10.87
CA LYS B 89 -1.50 7.44 11.86
C LYS B 89 -0.13 7.83 12.41
N CYS B 90 -0.07 7.96 13.73
CA CYS B 90 1.15 8.22 14.46
C CYS B 90 1.24 7.23 15.61
N VAL B 91 2.31 6.44 15.63
CA VAL B 91 2.51 5.45 16.69
C VAL B 91 3.70 5.86 17.55
N LEU B 92 3.47 5.85 18.86
CA LEU B 92 4.46 6.31 19.83
C LEU B 92 4.70 5.22 20.87
N PHE B 93 5.94 5.14 21.36
CA PHE B 93 6.28 4.33 22.52
C PHE B 93 6.44 5.26 23.70
N ILE B 94 5.53 5.17 24.67
CA ILE B 94 5.46 6.11 25.80
C ILE B 94 5.98 5.48 27.08
N GLU B 95 6.55 6.29 27.96
CA GLU B 95 6.96 5.86 29.30
C GLU B 95 5.84 6.20 30.26
N TRP B 96 5.26 5.16 30.87
CA TRP B 96 4.20 5.33 31.85
C TRP B 96 4.53 4.49 33.07
N GLU B 97 4.70 5.16 34.21
CA GLU B 97 4.98 4.49 35.49
C GLU B 97 6.08 3.43 35.37
N LYS B 98 7.19 3.84 34.76
CA LYS B 98 8.41 3.04 34.63
C LYS B 98 8.33 1.76 33.76
N LYS B 99 7.35 1.68 32.85
CA LYS B 99 7.31 0.65 31.78
C LYS B 99 6.90 1.29 30.43
N THR B 100 7.34 0.66 29.33
CA THR B 100 7.14 1.18 27.97
C THR B 100 5.89 0.57 27.32
N TYR B 101 5.01 1.42 26.82
CA TYR B 101 3.79 0.99 26.13
C TYR B 101 3.64 1.64 24.76
N GLN B 102 2.86 1.00 23.88
CA GLN B 102 2.59 1.55 22.55
C GLN B 102 1.28 2.35 22.56
N LEU B 103 1.36 3.57 22.05
CA LEU B 103 0.22 4.47 21.90
C LEU B 103 -0.03 4.73 20.41
N ASP B 104 -1.23 4.43 19.94
CA ASP B 104 -1.59 4.63 18.55
C ASP B 104 -2.52 5.84 18.47
N LEU B 105 -2.13 6.83 17.67
CA LEU B 105 -2.98 7.99 17.41
C LEU B 105 -3.41 7.93 15.95
N PHE B 106 -4.69 8.17 15.71
CA PHE B 106 -5.29 8.22 14.38
C PHE B 106 -6.09 9.50 14.25
N THR B 107 -6.19 10.06 13.04
CA THR B 107 -7.08 11.20 12.82
C THR B 107 -8.26 10.89 11.91
N ALA B 108 -9.41 11.47 12.25
CA ALA B 108 -10.59 11.51 11.38
C ALA B 108 -11.10 12.94 11.26
N LEU B 109 -11.57 13.30 10.08
CA LEU B 109 -12.29 14.55 9.85
C LEU B 109 -13.69 14.44 10.42
N ALA B 110 -14.33 15.57 10.68
CA ALA B 110 -15.63 15.58 11.38
C ALA B 110 -16.68 14.75 10.65
N GLU B 111 -16.76 14.88 9.33
CA GLU B 111 -17.70 14.09 8.52
C GLU B 111 -17.43 12.58 8.55
N GLU B 112 -16.18 12.18 8.84
CA GLU B 112 -15.76 10.80 8.85
C GLU B 112 -15.97 10.13 10.21
N LYS B 113 -16.22 10.94 11.24
CA LYS B 113 -16.24 10.51 12.66
C LYS B 113 -16.93 9.18 12.95
N PRO B 114 -18.22 9.04 12.56
CA PRO B 114 -18.89 7.77 12.90
C PRO B 114 -18.33 6.54 12.17
N TYR B 115 -17.79 6.74 10.97
CA TYR B 115 -17.20 5.65 10.17
C TYR B 115 -15.86 5.25 10.81
N ALA B 116 -15.14 6.26 11.29
CA ALA B 116 -13.82 6.07 11.89
C ALA B 116 -13.93 5.33 13.21
N ILE B 117 -14.84 5.79 14.05
CA ILE B 117 -15.08 5.15 15.34
C ILE B 117 -15.45 3.69 15.11
N PHE B 118 -16.34 3.45 14.16
CA PHE B 118 -16.75 2.09 13.81
C PHE B 118 -15.55 1.26 13.32
N HIS B 119 -14.75 1.84 12.43
CA HIS B 119 -13.54 1.17 11.94
C HIS B 119 -12.62 0.84 13.09
N PHE B 120 -12.26 1.85 13.88
CA PHE B 120 -11.20 1.65 14.88
C PHE B 120 -11.65 0.90 16.13
N THR B 121 -12.98 0.78 16.33
CA THR B 121 -13.50 -0.04 17.45
C THR B 121 -13.27 -1.53 17.24
N GLY B 122 -13.49 -2.04 16.03
CA GLY B 122 -13.32 -3.47 15.78
C GLY B 122 -14.43 -4.28 16.48
N PRO B 123 -14.15 -5.54 16.88
CA PRO B 123 -12.92 -6.26 16.53
C PRO B 123 -12.79 -6.53 15.02
N VAL B 124 -11.61 -6.99 14.61
CA VAL B 124 -11.30 -7.21 13.19
C VAL B 124 -12.24 -8.24 12.52
N SER B 125 -12.48 -9.37 13.18
CA SER B 125 -13.36 -10.41 12.62
C SER B 125 -14.78 -9.88 12.36
N TYR B 126 -15.28 -9.09 13.29
CA TYR B 126 -16.59 -8.45 13.16
C TYR B 126 -16.67 -7.50 11.95
N LEU B 127 -15.67 -6.62 11.84
CA LEU B 127 -15.55 -5.68 10.72
C LEU B 127 -15.56 -6.37 9.35
N ILE B 128 -14.90 -7.54 9.28
CA ILE B 128 -14.79 -8.29 8.03
C ILE B 128 -16.15 -8.84 7.59
N ARG B 129 -16.93 -9.37 8.53
CA ARG B 129 -18.30 -9.83 8.23
C ARG B 129 -19.20 -8.68 7.80
N ILE B 130 -19.10 -7.55 8.51
CA ILE B 130 -19.92 -6.38 8.20
C ILE B 130 -19.61 -5.92 6.78
N ARG B 131 -18.32 -5.79 6.48
CA ARG B 131 -17.88 -5.29 5.17
C ARG B 131 -18.12 -6.28 4.03
N ALA B 132 -18.02 -7.57 4.31
CA ALA B 132 -18.26 -8.59 3.29
C ALA B 132 -19.71 -8.52 2.83
N ALA B 133 -20.63 -8.40 3.81
CA ALA B 133 -22.06 -8.26 3.57
C ALA B 133 -22.44 -7.04 2.72
N LEU B 134 -21.77 -5.92 2.96
CA LEU B 134 -21.98 -4.69 2.18
C LEU B 134 -21.29 -4.78 0.83
N LYS B 135 -20.17 -5.49 0.76
CA LYS B 135 -19.48 -5.79 -0.50
C LYS B 135 -20.40 -6.59 -1.45
N LYS B 136 -21.10 -7.59 -0.91
CA LYS B 136 -22.08 -8.36 -1.70
C LYS B 136 -23.25 -7.55 -2.27
N LYS B 137 -23.51 -6.37 -1.69
CA LYS B 137 -24.51 -5.44 -2.20
C LYS B 137 -23.85 -4.25 -2.93
N ASN B 138 -22.63 -4.44 -3.42
CA ASN B 138 -21.90 -3.46 -4.24
C ASN B 138 -21.53 -2.14 -3.52
N TYR B 139 -21.40 -2.21 -2.19
CA TYR B 139 -20.94 -1.07 -1.41
C TYR B 139 -19.50 -1.33 -0.99
N LYS B 140 -18.81 -0.28 -0.56
CA LYS B 140 -17.50 -0.37 0.04
C LYS B 140 -17.49 0.48 1.32
N LEU B 141 -17.34 -0.16 2.48
CA LEU B 141 -17.27 0.55 3.75
C LEU B 141 -15.81 0.61 4.23
N ASN B 142 -15.35 1.81 4.58
CA ASN B 142 -14.05 2.03 5.20
C ASN B 142 -14.17 3.10 6.30
N GLN B 143 -13.04 3.56 6.84
CA GLN B 143 -13.04 4.55 7.91
C GLN B 143 -13.43 5.96 7.51
N TYR B 144 -13.58 6.20 6.20
CA TYR B 144 -13.87 7.52 5.67
C TYR B 144 -15.31 7.70 5.22
N GLY B 145 -16.01 6.60 4.95
CA GLY B 145 -17.37 6.67 4.42
C GLY B 145 -17.89 5.33 3.90
N LEU B 146 -19.09 5.40 3.34
CA LEU B 146 -19.68 4.31 2.54
C LEU B 146 -19.66 4.76 1.11
N PHE B 147 -19.16 3.88 0.24
CA PHE B 147 -18.96 4.18 -1.17
C PHE B 147 -19.75 3.23 -2.07
N LYS B 148 -20.30 3.77 -3.16
CA LYS B 148 -20.87 2.98 -4.25
C LYS B 148 -20.16 3.43 -5.51
N ASN B 149 -19.40 2.53 -6.12
CA ASN B 149 -18.61 2.81 -7.34
C ASN B 149 -17.67 4.01 -7.16
N GLN B 150 -16.84 3.94 -6.11
CA GLN B 150 -15.86 4.98 -5.79
C GLN B 150 -16.48 6.39 -5.63
N THR B 151 -17.75 6.44 -5.22
CA THR B 151 -18.47 7.68 -5.02
C THR B 151 -19.16 7.63 -3.64
N LEU B 152 -18.99 8.72 -2.89
CA LEU B 152 -19.45 8.78 -1.51
C LEU B 152 -20.98 8.80 -1.48
N VAL B 153 -21.56 7.90 -0.68
CA VAL B 153 -23.00 7.87 -0.42
C VAL B 153 -23.29 8.67 0.87
N PRO B 154 -23.92 9.85 0.73
CA PRO B 154 -24.09 10.71 1.91
C PRO B 154 -25.29 10.31 2.76
N LEU B 155 -25.06 9.47 3.77
CA LEU B 155 -26.11 9.10 4.70
C LEU B 155 -26.40 10.27 5.63
N LYS B 156 -27.67 10.44 5.99
CA LYS B 156 -28.07 11.47 6.97
C LYS B 156 -27.95 10.84 8.34
N ILE B 157 -26.72 10.75 8.83
CA ILE B 157 -26.42 10.18 10.15
C ILE B 157 -25.29 10.94 10.80
N THR B 158 -25.19 10.77 12.12
CA THR B 158 -24.25 11.50 12.96
C THR B 158 -23.40 10.59 13.85
N THR B 159 -24.04 9.69 14.58
CA THR B 159 -23.35 8.84 15.53
C THR B 159 -23.01 7.47 14.91
N GLU B 160 -22.15 6.75 15.60
CA GLU B 160 -21.83 5.39 15.24
C GLU B 160 -23.06 4.49 15.30
N LYS B 161 -23.85 4.64 16.36
CA LYS B 161 -25.08 3.87 16.56
C LYS B 161 -26.03 4.03 15.37
N GLU B 162 -26.28 5.27 14.99
CA GLU B 162 -27.11 5.56 13.83
C GLU B 162 -26.58 4.94 12.54
N LEU B 163 -25.24 4.96 12.37
CA LEU B 163 -24.59 4.40 11.19
C LEU B 163 -24.80 2.89 11.09
N ILE B 164 -24.56 2.19 12.20
CA ILE B 164 -24.69 0.73 12.24
C ILE B 164 -26.14 0.32 11.91
N LYS B 165 -27.12 1.03 12.46
CA LYS B 165 -28.55 0.76 12.14
C LYS B 165 -28.89 1.10 10.68
N GLU B 166 -28.39 2.22 10.16
CA GLU B 166 -28.69 2.64 8.77
C GLU B 166 -28.09 1.68 7.74
N LEU B 167 -26.94 1.09 8.07
CA LEU B 167 -26.33 0.04 7.24
C LEU B 167 -27.07 -1.31 7.25
N GLY B 168 -28.07 -1.47 8.11
CA GLY B 168 -28.87 -2.70 8.19
C GLY B 168 -28.23 -3.78 9.05
N PHE B 169 -27.68 -3.38 10.19
CA PHE B 169 -27.15 -4.35 11.15
C PHE B 169 -27.78 -4.12 12.51
N THR B 170 -27.68 -5.14 13.37
CA THR B 170 -28.11 -5.04 14.76
C THR B 170 -27.02 -4.30 15.55
N TYR B 171 -27.37 -3.15 16.14
CA TYR B 171 -26.46 -2.44 17.02
C TYR B 171 -26.13 -3.29 18.24
N ARG B 172 -24.84 -3.39 18.52
CA ARG B 172 -24.30 -4.01 19.72
C ARG B 172 -23.32 -3.01 20.36
N ILE B 173 -23.40 -2.86 21.68
CA ILE B 173 -22.39 -2.09 22.42
C ILE B 173 -20.99 -2.65 22.12
N PRO B 174 -19.95 -1.78 22.15
CA PRO B 174 -18.61 -2.19 21.71
C PRO B 174 -18.15 -3.57 22.22
N LYS B 175 -18.34 -3.84 23.51
CA LYS B 175 -17.89 -5.11 24.12
C LYS B 175 -18.63 -6.39 23.67
N LYS B 176 -19.79 -6.23 23.04
CA LYS B 176 -20.61 -7.37 22.57
C LYS B 176 -20.35 -7.75 21.11
N ARG B 177 -19.59 -6.92 20.40
CA ARG B 177 -19.23 -7.19 19.01
C ARG B 177 -18.15 -8.26 18.95
N LEU B 178 -18.51 -9.40 18.38
CA LEU B 178 -17.54 -10.41 17.94
C LEU B 178 -17.87 -10.81 16.49
#